data_6EWL
#
_entry.id   6EWL
#
_cell.length_a   31.459
_cell.length_b   53.440
_cell.length_c   74.659
_cell.angle_alpha   90.00
_cell.angle_beta   90.00
_cell.angle_gamma   90.00
#
_symmetry.space_group_name_H-M   'P 21 21 21'
#
loop_
_entity.id
_entity.type
_entity.pdbx_description
1 polymer 'Centrosomal protein 120'
2 water water
#
_entity_poly.entity_id   1
_entity_poly.type   'polypeptide(L)'
_entity_poly.pdbx_seq_one_letter_code
;GPHMASKSEQLLIVVSILEGRQFPRSPRLSLVVEARFDGETLSTDPVEHKEQPQF(CSO)TELAWELDRRTLHQHRLQRT
PIKLQCYAVDSSTSARESVGYIVLDLRSVQEIKQAPKWHPLLSSKYTKLKPALLIGMILENDN
;
_entity_poly.pdbx_strand_id   A
#
# COMPACT_ATOMS: atom_id res chain seq x y z
N GLY A 1 -40.32 1.06 4.56
CA GLY A 1 -40.89 -0.23 4.92
C GLY A 1 -39.90 -1.03 5.74
N PRO A 2 -40.31 -2.24 6.12
CA PRO A 2 -39.41 -3.08 6.91
C PRO A 2 -38.08 -3.35 6.21
N HIS A 3 -38.10 -3.42 4.89
CA HIS A 3 -36.87 -3.52 4.11
C HIS A 3 -36.60 -2.16 3.50
N MET A 4 -35.41 -1.64 3.75
CA MET A 4 -35.02 -0.32 3.25
C MET A 4 -33.77 -0.50 2.41
N ALA A 5 -33.84 -0.09 1.14
CA ALA A 5 -32.65 -0.03 0.30
C ALA A 5 -31.77 1.14 0.74
N SER A 6 -30.53 1.13 0.30
CA SER A 6 -29.60 2.20 0.58
C SER A 6 -28.87 2.58 -0.70
N LYS A 7 -28.75 3.88 -0.93
CA LYS A 7 -28.01 4.44 -2.05
C LYS A 7 -27.03 5.49 -1.53
N SER A 8 -25.82 5.46 -2.06
CA SER A 8 -24.83 6.51 -1.82
C SER A 8 -23.85 6.51 -2.99
N GLU A 9 -23.05 7.57 -3.10
CA GLU A 9 -22.16 7.74 -4.24
C GLU A 9 -21.14 6.61 -4.31
N GLN A 10 -20.93 6.10 -5.53
CA GLN A 10 -19.87 5.12 -5.78
C GLN A 10 -18.54 5.83 -5.92
N LEU A 11 -17.52 5.33 -5.21
CA LEU A 11 -16.22 5.95 -5.14
C LEU A 11 -15.15 4.93 -5.49
N LEU A 12 -13.97 5.42 -5.85
CA LEU A 12 -12.74 4.61 -5.91
C LEU A 12 -11.79 5.12 -4.85
N ILE A 13 -11.22 4.21 -4.05
CA ILE A 13 -10.05 4.52 -3.24
C ILE A 13 -8.84 4.11 -4.06
N VAL A 14 -7.91 5.03 -4.31
CA VAL A 14 -6.71 4.73 -5.09
C VAL A 14 -5.49 4.95 -4.23
N VAL A 15 -4.75 3.87 -3.99
CA VAL A 15 -3.51 3.94 -3.23
C VAL A 15 -2.37 3.90 -4.24
N SER A 16 -1.51 4.92 -4.23
CA SER A 16 -0.39 4.97 -5.17
C SER A 16 0.87 4.52 -4.45
N ILE A 17 1.44 3.40 -4.89
CA ILE A 17 2.72 2.95 -4.37
C ILE A 17 3.75 3.56 -5.32
N LEU A 18 4.36 4.64 -4.88
CA LEU A 18 5.18 5.46 -5.79
C LEU A 18 6.61 4.92 -5.86
N GLU A 19 7.34 5.00 -4.76
CA GLU A 19 8.72 4.51 -4.78
C GLU A 19 9.13 4.12 -3.37
N GLY A 20 10.28 3.47 -3.31
CA GLY A 20 10.90 3.19 -2.03
C GLY A 20 12.21 3.98 -1.88
N ARG A 21 12.75 3.92 -0.66
CA ARG A 21 14.08 4.44 -0.38
C ARG A 21 14.69 3.60 0.72
N GLN A 22 16.02 3.63 0.77
CA GLN A 22 16.80 3.00 1.82
C GLN A 22 16.67 1.48 1.82
N PHE A 23 16.50 0.86 0.60
CA PHE A 23 16.62 -0.58 0.45
C PHE A 23 18.04 -0.94 0.07
N PRO A 24 18.50 -2.11 0.47
CA PRO A 24 19.82 -2.57 0.00
C PRO A 24 19.72 -2.97 -1.47
N ARG A 25 20.72 -2.55 -2.25
CA ARG A 25 20.76 -2.92 -3.67
C ARG A 25 20.99 -4.43 -3.80
N SER A 26 20.09 -5.12 -4.51
CA SER A 26 20.08 -6.57 -4.54
C SER A 26 19.77 -7.02 -5.96
N PRO A 27 20.81 -7.18 -6.80
CA PRO A 27 20.54 -7.45 -8.22
C PRO A 27 19.84 -8.77 -8.50
N ARG A 28 19.96 -9.75 -7.61
CA ARG A 28 19.31 -11.05 -7.77
C ARG A 28 17.84 -11.03 -7.39
N LEU A 29 17.36 -9.92 -6.80
CA LEU A 29 16.01 -9.91 -6.22
C LEU A 29 15.16 -8.85 -6.89
N SER A 30 13.85 -8.99 -6.71
N SER A 30 13.85 -9.02 -6.73
CA SER A 30 12.94 -7.91 -7.07
CA SER A 30 12.85 -8.03 -7.12
C SER A 30 12.09 -7.60 -5.85
C SER A 30 12.03 -7.67 -5.89
N LEU A 31 11.27 -6.58 -5.99
CA LEU A 31 10.37 -6.16 -4.92
C LEU A 31 8.94 -6.11 -5.41
N VAL A 32 8.04 -6.58 -4.58
CA VAL A 32 6.59 -6.54 -4.81
C VAL A 32 5.93 -5.97 -3.57
N VAL A 33 4.93 -5.12 -3.77
CA VAL A 33 4.11 -4.63 -2.66
C VAL A 33 2.70 -5.17 -2.87
N GLU A 34 2.16 -5.83 -1.86
CA GLU A 34 0.78 -6.32 -1.88
C GLU A 34 0.00 -5.53 -0.87
N ALA A 35 -1.23 -5.16 -1.23
CA ALA A 35 -2.11 -4.41 -0.37
C ALA A 35 -3.40 -5.21 -0.23
N ARG A 36 -3.92 -5.28 0.99
CA ARG A 36 -5.17 -5.95 1.27
C ARG A 36 -6.13 -4.94 1.92
N PHE A 37 -7.31 -4.79 1.34
CA PHE A 37 -8.32 -3.91 1.96
C PHE A 37 -9.63 -4.65 1.99
N ASP A 38 -10.17 -4.83 3.19
CA ASP A 38 -11.48 -5.46 3.38
C ASP A 38 -11.55 -6.80 2.66
N GLY A 39 -10.49 -7.59 2.77
CA GLY A 39 -10.47 -8.93 2.20
C GLY A 39 -10.26 -9.01 0.70
N GLU A 40 -9.62 -8.01 0.11
CA GLU A 40 -9.36 -7.98 -1.33
C GLU A 40 -7.91 -7.57 -1.53
N THR A 41 -7.11 -8.47 -2.09
CA THR A 41 -5.67 -8.28 -2.24
C THR A 41 -5.32 -7.85 -3.65
N LEU A 42 -4.48 -6.82 -3.76
CA LEU A 42 -3.92 -6.35 -5.02
C LEU A 42 -2.40 -6.30 -4.88
N SER A 43 -1.67 -6.54 -5.97
CA SER A 43 -0.22 -6.64 -5.90
CA SER A 43 -0.23 -6.62 -5.90
C SER A 43 0.38 -5.86 -7.06
N THR A 44 1.50 -5.18 -6.81
CA THR A 44 2.31 -4.62 -7.87
C THR A 44 3.06 -5.73 -8.62
N ASP A 45 3.41 -5.46 -9.84
CA ASP A 45 4.28 -6.38 -10.55
C ASP A 45 5.72 -6.16 -10.08
N PRO A 46 6.58 -7.20 -10.13
CA PRO A 46 7.94 -7.04 -9.58
C PRO A 46 8.71 -5.93 -10.26
N VAL A 47 9.49 -5.19 -9.45
CA VAL A 47 10.43 -4.19 -9.93
C VAL A 47 11.82 -4.50 -9.32
N GLU A 48 12.85 -3.96 -9.95
CA GLU A 48 14.20 -4.20 -9.48
C GLU A 48 14.38 -3.76 -8.05
N HIS A 49 15.08 -4.59 -7.28
CA HIS A 49 15.40 -4.36 -5.87
C HIS A 49 16.55 -3.36 -5.77
N LYS A 50 16.35 -2.19 -6.37
CA LYS A 50 17.27 -1.06 -6.26
C LYS A 50 17.16 -0.42 -4.87
N GLU A 51 18.07 0.51 -4.55
CA GLU A 51 17.96 1.24 -3.28
C GLU A 51 16.73 2.10 -3.24
N GLN A 52 16.34 2.66 -4.39
CA GLN A 52 15.17 3.52 -4.52
C GLN A 52 14.26 2.86 -5.55
N PRO A 53 13.58 1.76 -5.17
CA PRO A 53 12.78 1.01 -6.14
C PRO A 53 11.63 1.86 -6.66
N GLN A 54 11.30 1.62 -7.92
CA GLN A 54 10.33 2.43 -8.66
C GLN A 54 9.07 1.58 -8.85
N PHE A 55 8.26 1.50 -7.80
CA PHE A 55 7.01 0.72 -7.85
C PHE A 55 6.02 1.30 -8.85
N CSO A 56 5.82 2.62 -8.79
CA CSO A 56 4.95 3.33 -9.73
CB CSO A 56 5.74 3.67 -11.02
SG CSO A 56 7.30 4.49 -10.67
C CSO A 56 3.68 2.60 -10.10
O CSO A 56 3.40 2.40 -11.31
OD CSO A 56 6.93 5.85 -9.60
N THR A 57 2.89 2.23 -9.10
CA THR A 57 1.63 1.50 -9.35
C THR A 57 0.51 2.02 -8.50
N GLU A 58 -0.64 2.29 -9.12
CA GLU A 58 -1.87 2.58 -8.43
C GLU A 58 -2.66 1.30 -8.17
N LEU A 59 -3.19 1.17 -6.94
CA LEU A 59 -4.04 0.04 -6.56
C LEU A 59 -5.39 0.62 -6.19
N ALA A 60 -6.47 0.11 -6.77
CA ALA A 60 -7.77 0.76 -6.62
C ALA A 60 -8.83 -0.22 -6.16
N TRP A 61 -9.68 0.25 -5.26
CA TRP A 61 -10.84 -0.49 -4.78
C TRP A 61 -12.07 0.39 -4.93
N GLU A 62 -13.21 -0.23 -5.18
CA GLU A 62 -14.46 0.53 -5.25
C GLU A 62 -15.28 0.30 -3.98
N LEU A 63 -15.95 1.35 -3.54
CA LEU A 63 -16.92 1.25 -2.45
C LEU A 63 -17.85 2.46 -2.55
N ASP A 64 -18.94 2.42 -1.81
CA ASP A 64 -19.83 3.57 -1.81
C ASP A 64 -19.58 4.43 -0.57
N ARG A 65 -20.14 5.62 -0.58
CA ARG A 65 -19.78 6.58 0.47
C ARG A 65 -20.25 6.10 1.83
N ARG A 66 -21.37 5.40 1.89
CA ARG A 66 -21.86 4.95 3.18
C ARG A 66 -20.97 3.86 3.74
N THR A 67 -20.46 2.98 2.88
CA THR A 67 -19.51 1.94 3.32
C THR A 67 -18.17 2.55 3.71
N LEU A 68 -17.72 3.56 2.96
CA LEU A 68 -16.51 4.28 3.35
C LEU A 68 -16.67 4.89 4.72
N HIS A 69 -17.79 5.55 4.96
CA HIS A 69 -18.01 6.15 6.28
C HIS A 69 -17.87 5.11 7.38
N GLN A 70 -18.41 3.91 7.17
CA GLN A 70 -18.28 2.86 8.17
C GLN A 70 -16.83 2.44 8.35
N HIS A 71 -16.08 2.35 7.25
CA HIS A 71 -14.67 2.00 7.36
C HIS A 71 -13.88 3.04 8.15
N ARG A 72 -14.24 4.31 8.01
CA ARG A 72 -13.59 5.34 8.82
C ARG A 72 -13.83 5.08 10.30
N LEU A 73 -15.09 4.82 10.65
CA LEU A 73 -15.47 4.64 12.05
C LEU A 73 -14.82 3.41 12.65
N GLN A 74 -14.69 2.35 11.84
CA GLN A 74 -14.07 1.11 12.26
C GLN A 74 -12.57 1.12 12.13
N ARG A 75 -12.01 2.19 11.56
CA ARG A 75 -10.57 2.28 11.26
C ARG A 75 -10.08 1.06 10.49
N THR A 76 -10.87 0.61 9.51
CA THR A 76 -10.49 -0.54 8.70
C THR A 76 -9.17 -0.21 8.02
N PRO A 77 -8.15 -1.04 8.16
CA PRO A 77 -6.86 -0.75 7.55
C PRO A 77 -6.76 -1.19 6.10
N ILE A 78 -5.87 -0.50 5.38
CA ILE A 78 -5.31 -1.03 4.16
C ILE A 78 -3.93 -1.58 4.52
N LYS A 79 -3.76 -2.90 4.40
CA LYS A 79 -2.58 -3.58 4.93
C LYS A 79 -1.59 -3.78 3.79
N LEU A 80 -0.37 -3.25 3.93
CA LEU A 80 0.64 -3.39 2.90
C LEU A 80 1.76 -4.29 3.40
N GLN A 81 2.23 -5.16 2.56
CA GLN A 81 3.45 -5.91 2.86
C GLN A 81 4.36 -5.81 1.66
N CYS A 82 5.65 -5.62 1.93
CA CYS A 82 6.65 -5.53 0.87
C CYS A 82 7.45 -6.83 0.87
N TYR A 83 7.60 -7.45 -0.29
CA TYR A 83 8.24 -8.76 -0.42
C TYR A 83 9.45 -8.63 -1.31
N ALA A 84 10.54 -9.26 -0.89
CA ALA A 84 11.68 -9.46 -1.76
C ALA A 84 11.46 -10.80 -2.44
N VAL A 85 11.59 -10.82 -3.76
CA VAL A 85 11.24 -11.98 -4.56
C VAL A 85 12.53 -12.48 -5.20
N ASP A 86 12.78 -13.75 -5.05
CA ASP A 86 13.98 -14.34 -5.62
C ASP A 86 13.53 -15.28 -6.72
N SER A 87 13.55 -14.81 -7.98
CA SER A 87 13.02 -15.61 -9.07
C SER A 87 13.86 -16.82 -9.35
N SER A 88 15.09 -16.87 -8.83
CA SER A 88 15.95 -18.01 -9.12
C SER A 88 15.52 -19.25 -8.34
N THR A 89 14.73 -19.07 -7.28
CA THR A 89 14.25 -20.15 -6.45
C THR A 89 12.75 -20.05 -6.25
N SER A 90 12.08 -19.21 -7.05
CA SER A 90 10.70 -18.76 -6.87
C SER A 90 10.29 -18.68 -5.42
N ALA A 91 11.04 -17.88 -4.71
CA ALA A 91 10.78 -17.67 -3.32
C ALA A 91 10.55 -16.18 -3.14
N ARG A 92 9.90 -15.89 -2.04
CA ARG A 92 9.76 -14.53 -1.57
C ARG A 92 9.74 -14.50 -0.05
N GLU A 93 10.02 -13.33 0.46
CA GLU A 93 10.17 -13.14 1.88
C GLU A 93 9.64 -11.75 2.18
N SER A 94 8.78 -11.65 3.17
CA SER A 94 8.32 -10.34 3.62
C SER A 94 9.50 -9.58 4.21
N VAL A 95 9.70 -8.34 3.77
CA VAL A 95 10.73 -7.50 4.32
C VAL A 95 10.18 -6.35 5.11
N GLY A 96 8.87 -6.30 5.31
CA GLY A 96 8.27 -5.32 6.22
C GLY A 96 6.85 -5.01 5.83
N TYR A 97 6.18 -4.23 6.68
CA TYR A 97 4.76 -3.97 6.45
C TYR A 97 4.42 -2.54 6.82
N ILE A 98 3.29 -2.07 6.29
CA ILE A 98 2.76 -0.75 6.62
C ILE A 98 1.26 -0.92 6.79
N VAL A 99 0.66 -0.16 7.73
CA VAL A 99 -0.78 -0.17 7.89
C VAL A 99 -1.27 1.25 7.61
N LEU A 100 -2.14 1.40 6.61
CA LEU A 100 -2.77 2.67 6.27
C LEU A 100 -4.20 2.63 6.80
N ASP A 101 -4.75 3.79 7.09
CA ASP A 101 -6.18 3.86 7.38
CA ASP A 101 -6.19 3.83 7.32
C ASP A 101 -6.79 4.97 6.52
N LEU A 102 -8.13 4.92 6.38
CA LEU A 102 -8.85 5.82 5.51
C LEU A 102 -9.47 6.99 6.26
N ARG A 103 -9.11 7.19 7.52
CA ARG A 103 -9.85 8.18 8.32
C ARG A 103 -9.87 9.53 7.64
N SER A 104 -8.79 9.90 6.95
CA SER A 104 -8.62 11.23 6.39
C SER A 104 -8.84 11.31 4.88
N VAL A 105 -8.90 10.18 4.18
CA VAL A 105 -8.95 10.21 2.73
C VAL A 105 -10.21 10.89 2.26
N GLN A 106 -10.06 11.79 1.31
CA GLN A 106 -11.17 12.62 0.90
C GLN A 106 -10.96 12.98 -0.56
N GLU A 107 -11.98 13.59 -1.14
CA GLU A 107 -11.82 14.30 -2.41
C GLU A 107 -10.74 15.37 -2.27
N ILE A 108 -10.86 16.24 -1.25
CA ILE A 108 -9.81 17.20 -0.95
C ILE A 108 -8.51 16.43 -0.72
N LYS A 109 -7.63 16.52 -1.73
CA LYS A 109 -6.47 15.67 -1.87
C LYS A 109 -5.35 16.06 -0.90
N GLN A 110 -4.60 15.03 -0.43
CA GLN A 110 -3.42 15.20 0.41
C GLN A 110 -2.17 14.68 -0.29
N ALA A 111 -1.04 15.36 -0.10
CA ALA A 111 0.23 14.95 -0.73
C ALA A 111 0.68 13.56 -0.26
N PRO A 112 1.42 12.83 -1.10
CA PRO A 112 1.95 11.52 -0.68
C PRO A 112 2.98 11.69 0.42
N LYS A 113 3.09 10.68 1.26
CA LYS A 113 4.05 10.74 2.34
C LYS A 113 4.85 9.43 2.47
N TRP A 114 6.03 9.57 3.06
CA TRP A 114 6.88 8.42 3.29
C TRP A 114 6.41 7.64 4.51
N HIS A 115 6.33 6.33 4.39
CA HIS A 115 5.94 5.44 5.49
C HIS A 115 7.07 4.42 5.68
N PRO A 116 7.76 4.40 6.83
CA PRO A 116 8.78 3.37 7.01
C PRO A 116 8.16 1.97 7.09
N LEU A 117 8.88 0.99 6.54
CA LEU A 117 8.47 -0.38 6.74
C LEU A 117 8.65 -0.78 8.20
N LEU A 118 7.63 -1.39 8.75
CA LEU A 118 7.67 -1.87 10.13
C LEU A 118 8.15 -3.31 10.13
N SER A 119 8.81 -3.69 11.23
CA SER A 119 9.40 -5.03 11.36
C SER A 119 10.28 -5.36 10.17
N SER A 120 11.10 -4.40 9.75
CA SER A 120 11.85 -4.57 8.51
C SER A 120 12.97 -5.58 8.69
N LYS A 121 13.10 -6.43 7.68
CA LYS A 121 14.25 -7.34 7.60
C LYS A 121 15.54 -6.57 7.43
N TYR A 122 15.49 -5.43 6.77
CA TYR A 122 16.66 -4.63 6.43
C TYR A 122 16.84 -3.63 7.56
N THR A 123 17.65 -3.99 8.55
N THR A 123 17.69 -3.97 8.52
CA THR A 123 17.71 -3.18 9.76
CA THR A 123 17.81 -3.19 9.75
C THR A 123 18.67 -2.01 9.63
C THR A 123 18.84 -2.08 9.67
N LYS A 124 19.72 -2.15 8.82
N LYS A 124 19.64 -2.02 8.62
CA LYS A 124 20.80 -1.17 8.86
CA LYS A 124 20.46 -0.86 8.40
C LYS A 124 20.38 0.18 8.30
C LYS A 124 19.60 0.19 7.71
N LEU A 125 19.43 0.21 7.36
N LEU A 125 19.72 1.44 8.14
CA LEU A 125 19.03 1.49 6.80
CA LEU A 125 18.87 2.51 7.63
C LEU A 125 17.53 1.72 6.67
C LEU A 125 17.40 2.22 7.96
N LYS A 126 16.68 0.79 7.07
N LYS A 126 16.52 2.89 7.23
CA LYS A 126 15.26 1.08 7.31
CA LYS A 126 15.07 2.81 7.48
C LYS A 126 14.57 1.59 6.05
C LYS A 126 14.36 2.71 6.13
N PRO A 127 14.14 0.71 5.16
N PRO A 127 14.24 1.50 5.58
CA PRO A 127 13.43 1.14 3.96
CA PRO A 127 13.50 1.32 4.32
C PRO A 127 12.09 1.77 4.30
C PRO A 127 12.10 1.91 4.43
N ALA A 128 11.62 2.59 3.37
CA ALA A 128 10.34 3.26 3.44
C ALA A 128 9.71 3.32 2.05
N LEU A 129 8.38 3.44 2.03
CA LEU A 129 7.60 3.60 0.80
C LEU A 129 6.94 4.97 0.77
N LEU A 130 6.97 5.60 -0.42
CA LEU A 130 6.27 6.85 -0.66
C LEU A 130 4.88 6.48 -1.20
N ILE A 131 3.84 6.84 -0.45
CA ILE A 131 2.49 6.39 -0.73
CA ILE A 131 2.47 6.37 -0.68
C ILE A 131 1.53 7.56 -0.79
N GLY A 132 0.69 7.56 -1.81
CA GLY A 132 -0.42 8.51 -1.91
C GLY A 132 -1.73 7.76 -1.75
N MET A 133 -2.75 8.47 -1.31
CA MET A 133 -4.08 7.91 -1.13
CA MET A 133 -4.08 7.91 -1.13
C MET A 133 -5.10 8.97 -1.47
N ILE A 134 -6.04 8.63 -2.33
CA ILE A 134 -7.04 9.58 -2.78
CA ILE A 134 -7.05 9.58 -2.77
C ILE A 134 -8.37 8.86 -2.99
N LEU A 135 -9.44 9.63 -2.86
CA LEU A 135 -10.75 9.24 -3.34
C LEU A 135 -10.90 9.81 -4.73
N GLU A 136 -11.13 8.94 -5.71
CA GLU A 136 -11.33 9.38 -7.08
C GLU A 136 -12.83 9.50 -7.31
N ASN A 137 -13.23 10.66 -7.83
CA ASN A 137 -14.64 11.09 -7.98
C ASN A 137 -15.57 10.73 -6.84
#